data_7I20
#
_entry.id   7I20
#
_cell.length_a   42.620
_cell.length_b   42.620
_cell.length_c   216.850
_cell.angle_alpha   90.00
_cell.angle_beta   90.00
_cell.angle_gamma   90.00
#
_symmetry.space_group_name_H-M   'P 43 2 2'
#
loop_
_entity.id
_entity.type
_entity.pdbx_description
1 polymer 'Serine protease subunit NS2B'
2 polymer 'Serine protease NS3'
3 non-polymer 'DIMETHYL SULFOXIDE'
4 non-polymer 1-[(3R)-3-aminopyrrolidin-1-yl]-2-[4-(hydroxymethyl)-2-methylquinolin-8-yl]ethan-1-one
5 water water
#
loop_
_entity_poly.entity_id
_entity_poly.type
_entity_poly.pdbx_seq_one_letter_code
_entity_poly.pdbx_strand_id
1 'polypeptide(L)' SMGKSVDMYIERAGDITWEKDAEVTGNSPRLDVALDESGDFSLVEE A
2 'polypeptide(L)'
;MKEVKKGETTDGVYRVMTRRLLGSTQVGVGVMQEGVFHTMWHVTKGAALRSGEGRLDPYWGDVKQDLVSYCGPWKLDAAW
DGLSEVQLLAVPPGERAKNIQTLPGIFKTKDGDIGAVALDYPAGTSGSPILDKCGRVIGLYGNGVVIKNGSYVSAITQGK
REEETPVE
;
B
#
loop_
_chem_comp.id
_chem_comp.type
_chem_comp.name
_chem_comp.formula
A1BXR non-polymer 1-[(3R)-3-aminopyrrolidin-1-yl]-2-[4-(hydroxymethyl)-2-methylquinolin-8-yl]ethan-1-one 'C17 H21 N3 O2'
DMS non-polymer 'DIMETHYL SULFOXIDE' 'C2 H6 O S'
#
# COMPACT_ATOMS: atom_id res chain seq x y z
N ASP A 7 1.00 -21.26 -3.48
CA ASP A 7 2.35 -20.69 -3.25
C ASP A 7 2.46 -19.38 -4.04
N MET A 8 3.06 -18.36 -3.42
CA MET A 8 3.00 -16.96 -3.86
C MET A 8 4.39 -16.55 -4.31
N TYR A 9 4.48 -15.67 -5.29
CA TYR A 9 5.77 -15.20 -5.86
C TYR A 9 5.65 -13.72 -6.25
N ILE A 10 6.81 -13.07 -6.36
CA ILE A 10 6.94 -11.61 -6.69
C ILE A 10 7.58 -11.41 -8.07
N GLU A 11 7.16 -10.37 -8.81
CA GLU A 11 7.79 -9.88 -10.07
C GLU A 11 7.96 -8.35 -9.99
N ARG A 12 9.15 -7.83 -10.35
CA ARG A 12 9.43 -6.38 -10.32
C ARG A 12 8.51 -5.66 -11.29
N ALA A 13 8.00 -4.47 -10.92
CA ALA A 13 6.98 -3.72 -11.72
C ALA A 13 7.38 -2.25 -11.93
N GLY A 14 8.49 -1.80 -11.37
CA GLY A 14 9.01 -0.46 -11.67
C GLY A 14 9.92 0.04 -10.58
N ASP A 15 10.54 1.20 -10.81
CA ASP A 15 11.26 2.03 -9.79
C ASP A 15 10.27 2.85 -8.97
N ILE A 16 10.70 3.29 -7.79
CA ILE A 16 9.92 4.20 -6.91
C ILE A 16 10.50 5.60 -7.10
N THR A 17 9.81 6.42 -7.90
N THR A 17 9.82 6.44 -7.89
N THR A 17 9.81 6.42 -7.90
N THR A 17 9.82 6.44 -7.89
CA THR A 17 10.24 7.77 -8.36
CA THR A 17 10.28 7.80 -8.26
CA THR A 17 10.24 7.77 -8.36
CA THR A 17 10.28 7.80 -8.26
C THR A 17 9.02 8.73 -8.41
C THR A 17 9.07 8.72 -8.43
C THR A 17 9.02 8.73 -8.41
C THR A 17 9.07 8.72 -8.43
N TRP A 18 9.21 9.97 -7.95
CA TRP A 18 8.22 11.04 -8.17
C TRP A 18 8.26 11.38 -9.66
N GLU A 19 7.12 11.35 -10.35
CA GLU A 19 7.00 11.61 -11.82
C GLU A 19 6.29 12.96 -12.04
N LYS A 20 7.05 13.99 -12.38
CA LYS A 20 6.55 15.38 -12.61
C LYS A 20 5.53 15.36 -13.76
N ASP A 21 4.43 16.09 -13.58
CA ASP A 21 3.28 16.08 -14.53
C ASP A 21 2.75 14.65 -14.67
N ALA A 22 2.47 13.99 -13.55
CA ALA A 22 1.63 12.78 -13.48
C ALA A 22 0.16 13.22 -13.51
N GLU A 23 -0.75 12.30 -13.82
CA GLU A 23 -2.20 12.54 -13.76
C GLU A 23 -2.54 13.01 -12.34
N VAL A 24 -3.18 14.16 -12.20
CA VAL A 24 -3.59 14.78 -10.89
C VAL A 24 -5.11 14.60 -10.73
N THR A 25 -5.56 13.99 -9.63
CA THR A 25 -6.98 13.61 -9.41
C THR A 25 -7.21 13.26 -7.93
N GLY A 26 -8.44 12.85 -7.59
CA GLY A 26 -8.90 12.52 -6.22
C GLY A 26 -9.16 13.75 -5.35
N ASN A 27 -10.16 13.64 -4.48
CA ASN A 27 -10.55 14.65 -3.45
C ASN A 27 -9.82 14.38 -2.12
N SER A 28 -10.22 15.09 -1.05
CA SER A 28 -9.53 15.14 0.27
C SER A 28 -10.51 15.14 1.44
N PRO A 29 -11.32 14.08 1.63
CA PRO A 29 -12.31 14.05 2.72
C PRO A 29 -11.73 13.90 4.13
N ARG A 30 -12.34 14.57 5.11
CA ARG A 30 -12.08 14.38 6.57
C ARG A 30 -13.12 13.41 7.12
N LEU A 31 -12.69 12.22 7.55
CA LEU A 31 -13.59 11.08 7.85
C LEU A 31 -13.36 10.64 9.30
N ASP A 32 -14.45 10.48 10.06
CA ASP A 32 -14.42 9.91 11.43
C ASP A 32 -14.47 8.40 11.33
N VAL A 33 -13.41 7.71 11.78
CA VAL A 33 -13.30 6.23 11.60
C VAL A 33 -12.89 5.58 12.92
N ALA A 34 -13.27 4.32 13.09
CA ALA A 34 -12.82 3.41 14.15
C ALA A 34 -12.00 2.29 13.49
N LEU A 35 -10.99 1.78 14.19
CA LEU A 35 -10.16 0.63 13.75
C LEU A 35 -10.34 -0.49 14.79
N ASP A 36 -10.88 -1.63 14.36
CA ASP A 36 -11.11 -2.80 15.26
C ASP A 36 -9.83 -3.65 15.32
N GLU A 37 -9.86 -4.68 16.18
CA GLU A 37 -8.72 -5.56 16.52
C GLU A 37 -8.31 -6.37 15.28
N SER A 38 -9.24 -6.58 14.34
CA SER A 38 -9.02 -7.30 13.06
C SER A 38 -8.41 -6.39 11.99
N GLY A 39 -8.08 -5.13 12.29
CA GLY A 39 -7.46 -4.20 11.31
C GLY A 39 -8.43 -3.71 10.22
N ASP A 40 -9.74 -3.76 10.47
CA ASP A 40 -10.80 -3.22 9.58
C ASP A 40 -11.24 -1.85 10.09
N PHE A 41 -11.13 -0.84 9.22
CA PHE A 41 -11.65 0.53 9.46
C PHE A 41 -13.16 0.55 9.30
N SER A 42 -13.84 1.46 10.00
CA SER A 42 -15.31 1.63 9.93
C SER A 42 -15.67 3.10 10.16
N LEU A 43 -16.74 3.57 9.50
CA LEU A 43 -17.26 4.95 9.66
C LEU A 43 -18.00 5.06 10.99
N VAL A 44 -17.41 5.80 11.92
CA VAL A 44 -18.04 6.30 13.19
C VAL A 44 -19.07 7.35 12.82
N GLU A 45 -20.35 7.00 12.83
CA GLU A 45 -21.44 7.94 12.44
C GLU A 45 -22.21 8.36 13.71
N GLY B 7 17.07 -14.74 -4.70
CA GLY B 7 16.15 -14.11 -5.70
C GLY B 7 16.49 -12.66 -6.00
N GLU B 8 15.55 -11.93 -6.63
CA GLU B 8 15.72 -10.51 -7.04
C GLU B 8 15.60 -9.60 -5.81
N THR B 9 16.71 -8.97 -5.38
N THR B 9 16.71 -8.91 -5.50
N THR B 9 16.71 -8.97 -5.38
N THR B 9 16.71 -8.91 -5.50
CA THR B 9 16.70 -7.98 -4.27
CA THR B 9 16.90 -8.04 -4.31
CA THR B 9 16.70 -7.98 -4.27
CA THR B 9 16.90 -8.04 -4.31
C THR B 9 17.19 -6.63 -4.80
C THR B 9 17.07 -6.57 -4.72
C THR B 9 17.19 -6.63 -4.80
C THR B 9 17.07 -6.57 -4.72
N THR B 10 16.62 -6.18 -5.92
CA THR B 10 16.76 -4.80 -6.42
C THR B 10 15.65 -3.98 -5.73
N ASP B 11 15.97 -2.81 -5.19
CA ASP B 11 14.97 -1.84 -4.69
C ASP B 11 13.92 -1.60 -5.78
N GLY B 12 12.69 -1.30 -5.38
CA GLY B 12 11.59 -0.94 -6.29
C GLY B 12 10.29 -1.56 -5.86
N VAL B 13 9.29 -1.47 -6.73
CA VAL B 13 7.94 -2.05 -6.49
C VAL B 13 7.78 -3.35 -7.27
N TYR B 14 7.02 -4.27 -6.70
CA TYR B 14 6.85 -5.66 -7.19
C TYR B 14 5.38 -6.05 -7.10
N ARG B 15 4.93 -6.90 -8.02
CA ARG B 15 3.59 -7.56 -7.97
C ARG B 15 3.68 -8.82 -7.10
N VAL B 16 2.63 -9.11 -6.35
CA VAL B 16 2.49 -10.34 -5.53
C VAL B 16 1.43 -11.22 -6.22
N MET B 17 1.86 -12.36 -6.74
CA MET B 17 1.11 -13.27 -7.65
C MET B 17 0.89 -14.62 -6.96
N THR B 18 -0.18 -15.32 -7.32
CA THR B 18 -0.48 -16.72 -6.95
C THR B 18 -0.96 -17.51 -8.19
N ARG B 19 -0.69 -18.82 -8.19
CA ARG B 19 -1.15 -19.79 -9.23
C ARG B 19 -2.15 -20.78 -8.62
N ARG B 20 -2.53 -20.59 -7.35
CA ARG B 20 -3.39 -21.53 -6.58
C ARG B 20 -4.82 -21.44 -7.12
N LEU B 21 -5.12 -20.38 -7.88
CA LEU B 21 -6.42 -20.20 -8.58
C LEU B 21 -6.18 -20.30 -10.09
N LEU B 22 -7.24 -20.08 -10.87
CA LEU B 22 -7.20 -20.08 -12.36
C LEU B 22 -6.15 -19.10 -12.83
N GLY B 23 -5.28 -19.51 -13.76
CA GLY B 23 -4.18 -18.66 -14.28
C GLY B 23 -3.26 -18.15 -13.19
N SER B 24 -2.52 -17.08 -13.47
CA SER B 24 -1.68 -16.33 -12.50
C SER B 24 -2.42 -15.06 -12.05
N THR B 25 -2.76 -14.95 -10.77
CA THR B 25 -3.65 -13.89 -10.22
C THR B 25 -2.81 -12.93 -9.35
N GLN B 26 -2.93 -11.61 -9.57
CA GLN B 26 -2.22 -10.61 -8.73
C GLN B 26 -3.04 -10.29 -7.48
N VAL B 27 -2.60 -10.76 -6.30
CA VAL B 27 -3.33 -10.58 -5.01
C VAL B 27 -2.88 -9.27 -4.34
N GLY B 28 -1.76 -8.69 -4.76
CA GLY B 28 -1.30 -7.41 -4.19
C GLY B 28 0.03 -6.97 -4.78
N VAL B 29 0.64 -5.99 -4.10
CA VAL B 29 1.85 -5.19 -4.48
C VAL B 29 2.71 -5.06 -3.22
N GLY B 30 3.99 -4.73 -3.36
CA GLY B 30 4.90 -4.54 -2.22
C GLY B 30 6.10 -3.75 -2.62
N VAL B 31 6.95 -3.39 -1.65
CA VAL B 31 8.15 -2.52 -1.83
C VAL B 31 9.37 -3.29 -1.33
N MET B 32 10.40 -3.41 -2.18
CA MET B 32 11.74 -3.90 -1.80
C MET B 32 12.60 -2.67 -1.48
N GLN B 33 13.18 -2.60 -0.29
CA GLN B 33 14.12 -1.51 0.10
C GLN B 33 15.10 -2.06 1.12
N GLU B 34 16.37 -1.70 1.00
CA GLU B 34 17.43 -2.19 1.93
C GLU B 34 17.29 -3.70 2.14
N GLY B 35 16.96 -4.48 1.11
CA GLY B 35 16.94 -5.96 1.23
C GLY B 35 15.69 -6.49 1.92
N VAL B 36 14.80 -5.60 2.36
CA VAL B 36 13.51 -5.97 3.02
C VAL B 36 12.39 -5.74 2.04
N PHE B 37 11.48 -6.71 1.94
CA PHE B 37 10.20 -6.63 1.20
C PHE B 37 9.07 -6.27 2.18
N HIS B 38 8.28 -5.25 1.82
CA HIS B 38 7.20 -4.66 2.67
C HIS B 38 5.85 -4.80 1.96
N THR B 39 4.85 -5.38 2.61
CA THR B 39 3.50 -5.43 1.99
C THR B 39 2.44 -5.30 3.09
N MET B 40 1.19 -5.55 2.73
CA MET B 40 0.03 -5.55 3.65
C MET B 40 -0.32 -6.99 4.02
N TRP B 41 -0.58 -7.24 5.32
N TRP B 41 -0.58 -7.24 5.31
N TRP B 41 -0.58 -7.24 5.32
N TRP B 41 -0.58 -7.24 5.31
CA TRP B 41 -0.86 -8.57 5.90
CA TRP B 41 -0.82 -8.60 5.87
CA TRP B 41 -0.86 -8.57 5.90
CA TRP B 41 -0.82 -8.60 5.87
C TRP B 41 -1.96 -9.27 5.12
C TRP B 41 -1.98 -9.29 5.12
C TRP B 41 -1.97 -9.27 5.13
C TRP B 41 -1.99 -9.29 5.13
N HIS B 42 -3.04 -8.54 4.76
CA HIS B 42 -4.22 -9.15 4.08
C HIS B 42 -3.84 -9.70 2.69
N VAL B 43 -2.70 -9.29 2.11
CA VAL B 43 -2.22 -9.77 0.79
C VAL B 43 -1.63 -11.19 0.93
N THR B 44 -0.66 -11.41 1.83
CA THR B 44 0.12 -12.68 1.94
C THR B 44 -0.40 -13.59 3.05
N LYS B 45 -1.14 -13.04 4.03
CA LYS B 45 -1.54 -13.73 5.28
C LYS B 45 -0.32 -14.25 6.07
N GLY B 46 0.86 -13.69 5.83
CA GLY B 46 2.10 -14.10 6.51
C GLY B 46 2.71 -15.36 5.91
N ALA B 47 2.24 -15.79 4.74
CA ALA B 47 2.81 -16.92 3.97
C ALA B 47 4.17 -16.50 3.39
N ALA B 48 5.10 -17.45 3.23
CA ALA B 48 6.38 -17.24 2.52
C ALA B 48 6.10 -16.92 1.05
N LEU B 49 7.11 -16.37 0.36
CA LEU B 49 7.07 -15.88 -1.05
C LEU B 49 8.27 -16.43 -1.81
N ARG B 50 8.13 -16.57 -3.12
CA ARG B 50 9.22 -17.00 -4.02
C ARG B 50 9.69 -15.78 -4.84
N SER B 51 11.00 -15.65 -5.03
CA SER B 51 11.66 -14.66 -5.93
C SER B 51 12.66 -15.39 -6.86
N GLY B 52 12.17 -15.99 -7.94
CA GLY B 52 12.97 -16.94 -8.76
C GLY B 52 13.15 -18.26 -8.03
N GLU B 53 14.39 -18.62 -7.69
CA GLU B 53 14.73 -19.75 -6.80
C GLU B 53 14.73 -19.30 -5.34
N GLY B 54 14.96 -18.00 -5.09
CA GLY B 54 15.00 -17.39 -3.75
C GLY B 54 13.69 -17.59 -3.00
N ARG B 55 13.77 -17.78 -1.68
CA ARG B 55 12.59 -17.84 -0.76
C ARG B 55 12.62 -16.61 0.16
N LEU B 56 11.47 -15.99 0.38
CA LEU B 56 11.32 -14.87 1.33
C LEU B 56 10.51 -15.37 2.51
N ASP B 57 11.08 -15.35 3.71
CA ASP B 57 10.36 -15.72 4.97
C ASP B 57 9.87 -14.45 5.69
N PRO B 58 8.62 -14.47 6.24
CA PRO B 58 8.14 -13.34 7.05
C PRO B 58 9.11 -13.11 8.23
N TYR B 59 9.29 -11.85 8.62
CA TYR B 59 10.17 -11.45 9.75
C TYR B 59 9.34 -10.72 10.81
N TRP B 60 8.49 -9.79 10.39
CA TRP B 60 7.61 -9.01 11.31
C TRP B 60 6.21 -8.88 10.67
N GLY B 61 5.18 -8.89 11.49
CA GLY B 61 3.84 -8.54 11.02
C GLY B 61 2.88 -8.23 12.15
N ASP B 62 1.81 -7.55 11.82
CA ASP B 62 0.74 -7.15 12.78
C ASP B 62 -0.57 -7.03 12.00
N VAL B 63 -1.54 -7.88 12.32
CA VAL B 63 -2.87 -7.87 11.64
C VAL B 63 -3.54 -6.52 11.87
N LYS B 64 -3.32 -5.84 13.00
CA LYS B 64 -4.13 -4.62 13.27
C LYS B 64 -3.61 -3.46 12.41
N GLN B 65 -2.28 -3.33 12.26
CA GLN B 65 -1.64 -2.34 11.35
C GLN B 65 -1.86 -2.77 9.89
N ASP B 66 -2.15 -4.06 9.70
CA ASP B 66 -2.29 -4.75 8.39
C ASP B 66 -1.01 -4.58 7.60
N LEU B 67 0.15 -4.80 8.25
CA LEU B 67 1.51 -4.69 7.64
C LEU B 67 2.34 -5.98 7.88
N VAL B 68 3.33 -6.22 7.03
CA VAL B 68 4.23 -7.41 7.15
C VAL B 68 5.55 -7.13 6.40
N SER B 69 6.69 -7.48 6.99
CA SER B 69 8.02 -7.32 6.36
C SER B 69 8.65 -8.72 6.17
N TYR B 70 9.43 -8.91 5.11
CA TYR B 70 10.10 -10.19 4.75
C TYR B 70 11.62 -9.94 4.72
N CYS B 71 12.42 -10.80 5.38
CA CYS B 71 13.91 -10.83 5.35
C CYS B 71 14.52 -9.86 6.36
N GLY B 72 13.72 -8.98 6.97
CA GLY B 72 14.30 -8.03 7.92
C GLY B 72 13.22 -7.15 8.54
N PRO B 73 13.61 -6.29 9.49
CA PRO B 73 12.66 -5.36 10.10
C PRO B 73 12.12 -4.33 9.10
N TRP B 74 10.90 -3.82 9.36
CA TRP B 74 10.29 -2.68 8.65
C TRP B 74 11.32 -1.55 8.48
N LYS B 75 11.49 -1.02 7.26
CA LYS B 75 12.55 -0.04 6.89
C LYS B 75 11.95 1.35 6.57
N LEU B 76 10.64 1.45 6.30
CA LEU B 76 9.99 2.66 5.70
C LEU B 76 9.46 3.59 6.80
N ASP B 77 10.11 4.75 7.00
CA ASP B 77 9.82 5.61 8.18
C ASP B 77 9.41 7.02 7.76
N ALA B 78 9.29 7.33 6.47
CA ALA B 78 8.94 8.67 5.99
C ALA B 78 7.44 8.89 6.28
N ALA B 79 7.05 10.14 6.55
CA ALA B 79 5.68 10.51 6.97
C ALA B 79 5.10 11.59 6.06
N TRP B 80 3.81 11.49 5.71
CA TRP B 80 3.03 12.61 5.11
C TRP B 80 3.23 13.83 5.99
N ASP B 81 3.53 14.99 5.39
CA ASP B 81 3.90 16.22 6.13
C ASP B 81 2.62 16.92 6.62
N GLY B 82 1.46 16.52 6.08
CA GLY B 82 0.12 17.04 6.46
C GLY B 82 -0.38 18.11 5.50
N LEU B 83 0.45 18.60 4.55
CA LEU B 83 0.16 19.73 3.64
C LEU B 83 0.29 19.33 2.15
N SER B 84 1.47 18.85 1.75
CA SER B 84 1.86 18.65 0.34
C SER B 84 0.99 17.58 -0.35
N GLU B 85 0.86 17.65 -1.67
CA GLU B 85 0.26 16.56 -2.48
C GLU B 85 1.23 15.36 -2.46
N VAL B 86 0.72 14.19 -2.81
CA VAL B 86 1.50 12.93 -2.83
C VAL B 86 1.19 12.21 -4.14
N GLN B 87 2.01 11.20 -4.46
CA GLN B 87 1.75 10.27 -5.60
C GLN B 87 1.50 8.87 -5.05
N LEU B 88 0.33 8.30 -5.38
CA LEU B 88 0.08 6.84 -5.39
C LEU B 88 0.76 6.23 -6.62
N LEU B 89 1.88 5.49 -6.42
CA LEU B 89 2.50 4.64 -7.47
C LEU B 89 1.66 3.38 -7.56
N ALA B 90 0.50 3.46 -8.23
CA ALA B 90 -0.44 2.33 -8.38
C ALA B 90 0.14 1.27 -9.32
N VAL B 91 -0.05 -0.02 -8.99
CA VAL B 91 0.34 -1.19 -9.83
C VAL B 91 -0.83 -2.14 -9.93
N PRO B 92 -1.81 -1.91 -10.83
CA PRO B 92 -3.01 -2.74 -10.93
C PRO B 92 -2.79 -4.05 -11.69
N PRO B 93 -3.62 -5.08 -11.45
CA PRO B 93 -3.46 -6.38 -12.13
C PRO B 93 -3.49 -6.22 -13.66
N GLY B 94 -2.52 -6.83 -14.35
CA GLY B 94 -2.42 -6.87 -15.82
C GLY B 94 -1.99 -5.54 -16.45
N GLU B 95 -1.77 -4.49 -15.65
CA GLU B 95 -1.57 -3.12 -16.16
C GLU B 95 -0.23 -2.61 -15.62
N ARG B 96 0.39 -1.67 -16.31
CA ARG B 96 1.74 -1.13 -15.99
C ARG B 96 1.64 -0.15 -14.82
N ALA B 97 2.74 0.00 -14.07
CA ALA B 97 2.93 0.98 -12.98
C ALA B 97 2.60 2.39 -13.44
N LYS B 98 1.75 3.09 -12.70
CA LYS B 98 1.16 4.41 -13.04
C LYS B 98 1.11 5.30 -11.80
N ASN B 99 1.86 6.40 -11.77
CA ASN B 99 1.78 7.47 -10.73
C ASN B 99 0.44 8.18 -10.86
N ILE B 100 -0.20 8.50 -9.73
CA ILE B 100 -1.45 9.30 -9.65
C ILE B 100 -1.26 10.30 -8.53
N GLN B 101 -1.20 11.60 -8.85
CA GLN B 101 -0.96 12.67 -7.86
C GLN B 101 -2.32 13.02 -7.22
N THR B 102 -2.31 13.23 -5.89
CA THR B 102 -3.52 13.58 -5.11
C THR B 102 -3.08 14.34 -3.86
N LEU B 103 -3.99 15.12 -3.27
CA LEU B 103 -3.81 15.69 -1.92
C LEU B 103 -4.63 14.83 -0.98
N PRO B 104 -3.99 14.18 0.03
CA PRO B 104 -4.70 13.25 0.90
C PRO B 104 -5.75 13.97 1.78
N GLY B 105 -6.88 13.29 1.99
CA GLY B 105 -7.82 13.53 3.09
C GLY B 105 -7.28 13.02 4.43
N ILE B 106 -8.19 12.74 5.36
CA ILE B 106 -7.90 12.52 6.81
C ILE B 106 -8.84 11.47 7.37
N PHE B 107 -8.31 10.39 7.93
CA PHE B 107 -9.01 9.49 8.88
C PHE B 107 -8.79 10.03 10.29
N LYS B 108 -9.88 10.46 10.93
CA LYS B 108 -9.92 10.92 12.35
C LYS B 108 -10.35 9.73 13.21
N THR B 109 -9.49 9.33 14.15
CA THR B 109 -9.69 8.19 15.08
C THR B 109 -9.44 8.67 16.51
N LYS B 110 -9.82 7.87 17.49
CA LYS B 110 -9.62 8.13 18.94
C LYS B 110 -8.12 8.14 19.28
N ASP B 111 -7.27 7.50 18.49
CA ASP B 111 -5.81 7.38 18.77
C ASP B 111 -5.01 8.38 17.94
N GLY B 112 -5.68 9.13 17.06
CA GLY B 112 -5.02 10.15 16.24
C GLY B 112 -5.58 10.24 14.84
N ASP B 113 -5.04 11.17 14.06
CA ASP B 113 -5.45 11.45 12.66
C ASP B 113 -4.43 10.80 11.72
N ILE B 114 -4.91 10.18 10.64
CA ILE B 114 -4.07 9.44 9.65
C ILE B 114 -4.33 10.06 8.27
N GLY B 115 -3.31 10.14 7.41
CA GLY B 115 -3.49 10.44 5.97
C GLY B 115 -4.47 9.46 5.33
N ALA B 116 -5.17 9.91 4.31
CA ALA B 116 -6.04 9.02 3.51
C ALA B 116 -6.06 9.54 2.08
N VAL B 117 -6.08 8.62 1.11
N VAL B 117 -6.15 8.60 1.13
N VAL B 117 -6.08 8.62 1.11
N VAL B 117 -6.15 8.60 1.13
CA VAL B 117 -6.13 8.95 -0.35
CA VAL B 117 -6.12 8.83 -0.34
CA VAL B 117 -6.13 8.95 -0.35
CA VAL B 117 -6.12 8.83 -0.34
C VAL B 117 -7.42 8.38 -0.94
C VAL B 117 -7.46 8.36 -0.93
C VAL B 117 -7.42 8.38 -0.94
C VAL B 117 -7.46 8.36 -0.93
N ALA B 118 -8.18 9.24 -1.62
CA ALA B 118 -9.49 8.90 -2.24
C ALA B 118 -9.24 8.56 -3.72
N LEU B 119 -8.74 7.35 -3.94
CA LEU B 119 -8.43 6.78 -5.27
C LEU B 119 -8.97 5.36 -5.24
N ASP B 120 -9.69 4.95 -6.28
CA ASP B 120 -10.40 3.66 -6.29
C ASP B 120 -9.69 2.77 -7.31
N TYR B 121 -9.28 1.56 -6.93
CA TYR B 121 -8.54 0.60 -7.79
C TYR B 121 -8.86 -0.82 -7.35
N PRO B 122 -8.58 -1.84 -8.18
CA PRO B 122 -8.92 -3.20 -7.80
C PRO B 122 -8.14 -3.56 -6.52
N ALA B 123 -8.70 -4.46 -5.71
CA ALA B 123 -8.14 -4.94 -4.43
C ALA B 123 -6.74 -5.56 -4.64
N GLY B 124 -6.51 -6.14 -5.82
CA GLY B 124 -5.19 -6.67 -6.22
C GLY B 124 -4.14 -5.56 -6.24
N THR B 125 -4.55 -4.29 -6.13
CA THR B 125 -3.62 -3.13 -6.12
C THR B 125 -3.09 -2.94 -4.69
N SER B 126 -3.72 -3.56 -3.68
CA SER B 126 -3.32 -3.51 -2.25
C SER B 126 -1.80 -3.69 -2.13
N GLY B 127 -1.11 -2.74 -1.51
CA GLY B 127 0.33 -2.82 -1.22
C GLY B 127 1.12 -1.78 -2.01
N SER B 128 0.51 -1.15 -3.02
CA SER B 128 1.13 -0.08 -3.84
C SER B 128 1.54 1.07 -2.93
N PRO B 129 2.77 1.59 -3.08
CA PRO B 129 3.26 2.65 -2.23
C PRO B 129 2.76 4.05 -2.58
N ILE B 130 2.81 4.95 -1.60
CA ILE B 130 2.46 6.39 -1.70
C ILE B 130 3.74 7.14 -1.38
N LEU B 131 4.10 8.15 -2.18
CA LEU B 131 5.42 8.86 -2.16
C LEU B 131 5.25 10.35 -1.85
N ASP B 132 6.28 10.92 -1.23
CA ASP B 132 6.48 12.39 -1.08
C ASP B 132 7.28 12.88 -2.29
N LYS B 133 7.55 14.18 -2.36
CA LYS B 133 8.11 14.86 -3.56
C LYS B 133 9.57 14.41 -3.73
N CYS B 134 10.17 13.88 -2.68
CA CYS B 134 11.57 13.35 -2.69
C CYS B 134 11.59 11.85 -3.07
N GLY B 135 10.47 11.26 -3.47
CA GLY B 135 10.38 9.84 -3.86
C GLY B 135 10.44 8.84 -2.69
N ARG B 136 10.41 9.30 -1.44
CA ARG B 136 10.42 8.42 -0.25
C ARG B 136 9.02 7.84 -0.03
N VAL B 137 8.94 6.59 0.44
CA VAL B 137 7.63 5.90 0.67
C VAL B 137 7.09 6.35 2.03
N ILE B 138 5.95 7.03 2.03
CA ILE B 138 5.28 7.50 3.28
C ILE B 138 4.17 6.51 3.70
N GLY B 139 3.88 5.47 2.91
CA GLY B 139 2.99 4.38 3.37
C GLY B 139 2.43 3.52 2.26
N LEU B 140 1.58 2.53 2.57
CA LEU B 140 1.01 1.63 1.55
C LEU B 140 -0.50 1.80 1.47
N TYR B 141 -1.03 1.46 0.28
CA TYR B 141 -2.42 1.64 -0.18
C TYR B 141 -3.12 0.31 -0.02
N GLY B 142 -4.37 0.31 0.48
CA GLY B 142 -5.26 -0.86 0.38
C GLY B 142 -5.89 -1.28 1.70
N ASN B 143 -5.74 -0.50 2.78
CA ASN B 143 -6.59 -0.67 3.99
C ASN B 143 -7.40 0.60 4.22
N GLY B 144 -8.70 0.50 4.01
CA GLY B 144 -9.60 1.66 4.17
C GLY B 144 -11.07 1.25 4.18
N VAL B 145 -11.93 2.13 3.67
CA VAL B 145 -13.39 2.09 3.95
C VAL B 145 -14.13 2.49 2.67
N VAL B 146 -15.38 2.01 2.54
CA VAL B 146 -16.34 2.40 1.47
C VAL B 146 -17.27 3.47 2.05
N ILE B 147 -17.43 4.61 1.35
CA ILE B 147 -18.11 5.83 1.91
C ILE B 147 -19.52 5.93 1.32
N LYS B 148 -20.31 6.88 1.83
N LYS B 148 -20.31 6.88 1.83
N LYS B 148 -20.31 6.89 1.81
N LYS B 148 -20.31 6.89 1.81
CA LYS B 148 -21.73 7.13 1.44
CA LYS B 148 -21.73 7.13 1.44
CA LYS B 148 -21.74 7.10 1.45
CA LYS B 148 -21.74 7.10 1.45
C LYS B 148 -21.93 6.87 -0.06
C LYS B 148 -21.93 6.87 -0.06
C LYS B 148 -21.95 6.91 -0.06
C LYS B 148 -21.95 6.91 -0.06
N ASN B 149 -21.01 7.38 -0.90
CA ASN B 149 -21.11 7.31 -2.37
C ASN B 149 -21.04 5.87 -2.90
N GLY B 150 -20.36 4.97 -2.17
CA GLY B 150 -19.98 3.63 -2.65
C GLY B 150 -18.53 3.57 -3.14
N SER B 151 -17.83 4.71 -3.12
N SER B 151 -17.83 4.71 -3.11
N SER B 151 -17.83 4.71 -3.12
N SER B 151 -17.83 4.71 -3.11
CA SER B 151 -16.41 4.85 -3.53
CA SER B 151 -16.41 4.88 -3.51
CA SER B 151 -16.41 4.85 -3.53
CA SER B 151 -16.41 4.88 -3.51
C SER B 151 -15.50 4.41 -2.37
C SER B 151 -15.50 4.39 -2.38
C SER B 151 -15.50 4.41 -2.37
C SER B 151 -15.50 4.39 -2.38
N TYR B 152 -14.24 4.09 -2.70
CA TYR B 152 -13.23 3.57 -1.73
C TYR B 152 -12.26 4.68 -1.29
N VAL B 153 -11.93 4.74 0.00
CA VAL B 153 -10.87 5.62 0.55
C VAL B 153 -9.90 4.77 1.37
N SER B 154 -8.60 4.89 1.11
CA SER B 154 -7.53 4.10 1.75
C SER B 154 -6.76 4.99 2.72
N ALA B 155 -6.42 4.45 3.88
CA ALA B 155 -5.38 4.99 4.78
C ALA B 155 -4.06 5.03 4.02
N ILE B 156 -3.23 6.01 4.36
CA ILE B 156 -1.77 5.96 4.17
C ILE B 156 -1.20 5.17 5.36
N THR B 157 -1.07 3.84 5.23
CA THR B 157 -0.58 2.92 6.30
C THR B 157 0.96 2.92 6.31
N GLN B 158 1.58 3.42 7.38
CA GLN B 158 3.06 3.40 7.59
C GLN B 158 3.35 2.56 8.85
N GLY B 159 4.49 1.88 8.87
CA GLY B 159 4.98 1.12 10.03
C GLY B 159 6.06 1.90 10.72
N LYS B 160 6.45 1.47 11.92
CA LYS B 160 7.53 2.07 12.73
C LYS B 160 8.84 1.35 12.37
N ARG B 161 9.91 2.12 12.15
CA ARG B 161 11.30 1.61 11.99
C ARG B 161 12.00 1.67 13.35
N GLU B 162 12.73 0.60 13.72
CA GLU B 162 13.51 0.53 14.99
C GLU B 162 14.98 0.88 14.69
S DMS C . -10.13 -2.67 -2.85
S DMS C . -10.12 -2.67 -2.86
O DMS C . -11.40 -2.00 -2.42
O DMS C . -11.40 -2.00 -2.42
C1 DMS C . -9.45 -3.46 -1.41
C1 DMS C . -9.45 -3.46 -1.41
C2 DMS C . -8.91 -1.38 -3.00
C2 DMS C . -8.91 -1.38 -3.00
S DMS D . 0.22 -19.23 6.68
O DMS D . 0.98 -18.12 7.35
C1 DMS D . 1.20 -19.76 5.30
C2 DMS D . -1.09 -18.47 5.75
S DMS E . -9.93 -3.15 2.03
S DMS E . -9.93 -3.15 2.03
O DMS E . -10.11 -1.94 2.90
O DMS E . -10.11 -1.94 2.90
C1 DMS E . -9.05 -4.34 3.02
C1 DMS E . -9.05 -4.34 3.02
C2 DMS E . -11.50 -3.98 2.01
C2 DMS E . -11.50 -3.98 2.01
N1 A1BXR F . -9.18 -4.18 2.90
N1 A1BXR F . -9.18 -4.18 2.90
N3 A1BXR F . -11.43 -3.23 -0.84
N3 A1BXR F . -11.43 -3.23 -0.84
C4 A1BXR F . -11.55 -1.46 -3.03
C4 A1BXR F . -11.55 -1.46 -3.03
C5 A1BXR F . -11.64 -0.51 -4.20
C5 A1BXR F . -11.64 -0.51 -4.20
C6 A1BXR F . -10.28 -1.76 -2.43
C6 A1BXR F . -10.28 -1.76 -2.43
C7 A1BXR F . -9.07 -1.20 -2.88
C7 A1BXR F . -9.07 -1.20 -2.88
C8 A1BXR F . -7.89 -1.52 -2.27
C8 A1BXR F . -7.89 -1.52 -2.27
C10 A1BXR F . -9.03 -2.98 -0.70
C10 A1BXR F . -9.03 -2.98 -0.70
C13 A1BXR F . -8.91 -5.62 2.87
C13 A1BXR F . -8.91 -5.62 2.87
C15 A1BXR F . -9.25 -4.97 5.13
C15 A1BXR F . -9.25 -4.97 5.13
C17 A1BXR F . -10.27 -2.66 -1.32
C17 A1BXR F . -10.27 -2.66 -1.32
C1 A1BXR F . -13.83 -3.56 -0.87
C1 A1BXR F . -13.83 -3.56 -0.87
C2 A1BXR F . -12.58 -2.92 -1.42
C2 A1BXR F . -12.58 -2.92 -1.42
C3 A1BXR F . -12.67 -2.05 -2.52
C3 A1BXR F . -12.67 -2.05 -2.52
O1 A1BXR F . -12.98 -0.24 -4.59
O1 A1BXR F . -12.98 -0.24 -4.59
C9 A1BXR F . -7.88 -2.42 -1.18
C9 A1BXR F . -7.88 -2.42 -1.18
C11 A1BXR F . -8.95 -3.95 0.46
C11 A1BXR F . -8.95 -3.95 0.46
C12 A1BXR F . -9.20 -3.34 1.83
C12 A1BXR F . -9.20 -3.34 1.83
O2 A1BXR F . -9.41 -2.15 1.98
O2 A1BXR F . -9.41 -2.15 1.98
C14 A1BXR F . -8.43 -5.91 4.25
C14 A1BXR F . -8.43 -5.91 4.25
N2 A1BXR F . -8.58 -4.69 6.41
N2 A1BXR F . -8.58 -4.69 6.41
C16 A1BXR F . -9.47 -3.72 4.27
C16 A1BXR F . -9.47 -3.72 4.27
#